data_3NBH
#
_entry.id   3NBH
#
_cell.length_a   41.682
_cell.length_b   42.365
_cell.length_c   157.734
_cell.angle_alpha   90.00
_cell.angle_beta   90.00
_cell.angle_gamma   90.00
#
_symmetry.space_group_name_H-M   'P 21 21 21'
#
loop_
_entity.id
_entity.type
_entity.pdbx_description
1 polymer 'RecQ-mediated genome instability protein 1'
2 polymer 'RecQ-mediated genome instability protein 2'
3 water water
#
loop_
_entity_poly.entity_id
_entity_poly.type
_entity_poly.pdbx_seq_one_letter_code
_entity_poly.pdbx_strand_id
1 'polypeptide(L)'
;SGGRENSINLSIA(MSE)DLYSPPFVYLSVL(MSE)ASKPKEVTTVKVKAFIVTLTGNLSSSGGIWSITAKVSDGTAYLD
VDFVDEILTSLIGFSVPE(MSE)KQSKKDPLQYQKFLEGLQKCQRDLIDLCCL(MSE)TISFNPSLSKA(MSE)VLALQD
VN(MSE)EHLENLKKRLNK
;
A
2 'polypeptide(L)'
;GPLGSDSFSGGPAGVRLPRSPPLKVLAEQLRRDAEGGPGAWRLSRAAAGRGPLDLAAVW(MSE)QGRVV(MSE)ADRGEA
RLRDPSGDFSVRGLERVPRGRPCLVPGKYV(MSE)V(MSE)GVVQACSPEPCLQAVK(MSE)TDLSDNPIHES(MSE)WE
LEVEDLHRNIP
;
B
#
# COMPACT_ATOMS: atom_id res chain seq x y z
N ASN A 6 23.84 -22.68 1.83
CA ASN A 6 25.23 -22.20 1.87
C ASN A 6 25.56 -21.41 0.61
N SER A 7 24.52 -20.99 -0.10
CA SER A 7 24.70 -20.23 -1.34
C SER A 7 23.76 -19.03 -1.33
N ILE A 8 24.29 -17.93 -1.86
CA ILE A 8 23.56 -16.68 -1.98
C ILE A 8 23.72 -16.26 -3.43
N ASN A 9 22.62 -15.96 -4.10
CA ASN A 9 22.68 -15.50 -5.48
C ASN A 9 23.10 -14.04 -5.36
N LEU A 10 24.40 -13.79 -5.45
CA LEU A 10 24.94 -12.45 -5.33
C LEU A 10 24.35 -11.45 -6.31
N SER A 11 23.95 -11.92 -7.48
CA SER A 11 23.40 -11.06 -8.51
C SER A 11 22.04 -10.43 -8.18
N ILE A 12 21.45 -10.81 -7.06
CA ILE A 12 20.15 -10.24 -6.68
C ILE A 12 20.21 -9.63 -5.28
N ALA A 13 21.41 -9.50 -4.73
CA ALA A 13 21.58 -8.93 -3.39
C ALA A 13 20.93 -7.56 -3.30
N ASP A 15 18.65 -6.48 -5.29
CA ASP A 15 17.22 -6.67 -5.57
C ASP A 15 16.42 -7.02 -4.32
N LEU A 16 17.03 -7.73 -3.39
CA LEU A 16 16.36 -8.14 -2.17
C LEU A 16 16.62 -7.24 -0.96
N TYR A 17 17.80 -6.63 -0.90
CA TYR A 17 18.13 -5.83 0.28
C TYR A 17 18.31 -4.32 0.15
N SER A 18 18.48 -3.84 -1.08
CA SER A 18 18.66 -2.41 -1.31
C SER A 18 17.76 -1.48 -0.50
N PRO A 19 18.38 -0.50 0.20
CA PRO A 19 17.76 0.52 1.04
C PRO A 19 16.95 1.46 0.13
N PRO A 20 15.77 1.93 0.57
CA PRO A 20 14.92 1.84 1.77
C PRO A 20 13.93 0.68 1.76
N PHE A 21 13.63 0.15 0.58
CA PHE A 21 12.71 -0.97 0.42
C PHE A 21 12.87 -1.61 -0.95
N VAL A 22 12.34 -2.82 -1.08
CA VAL A 22 12.41 -3.54 -2.34
C VAL A 22 10.99 -3.92 -2.76
N TYR A 23 10.87 -4.67 -3.85
CA TYR A 23 9.55 -5.04 -4.37
C TYR A 23 9.19 -6.51 -4.29
N LEU A 24 7.92 -6.76 -3.97
CA LEU A 24 7.40 -8.12 -3.85
C LEU A 24 7.51 -8.92 -5.14
N SER A 25 7.24 -8.27 -6.27
CA SER A 25 7.31 -8.93 -7.58
C SER A 25 8.73 -9.40 -7.84
N VAL A 26 9.70 -8.61 -7.41
CA VAL A 26 11.11 -8.96 -7.62
C VAL A 26 11.44 -10.15 -6.73
N LEU A 27 10.97 -10.10 -5.49
CA LEU A 27 11.22 -11.20 -4.56
C LEU A 27 10.68 -12.50 -5.16
N ALA A 29 9.96 -13.21 -8.27
CA ALA A 29 10.65 -13.57 -9.51
C ALA A 29 11.97 -14.28 -9.21
N SER A 30 12.54 -14.03 -8.04
CA SER A 30 13.81 -14.67 -7.67
C SER A 30 13.63 -16.12 -7.21
N LYS A 31 12.38 -16.54 -7.08
CA LYS A 31 12.03 -17.89 -6.65
C LYS A 31 12.78 -18.35 -5.40
N PRO A 32 12.59 -17.64 -4.27
CA PRO A 32 13.26 -17.99 -3.01
C PRO A 32 13.05 -19.45 -2.59
N LYS A 33 14.12 -20.08 -2.12
CA LYS A 33 14.04 -21.47 -1.68
C LYS A 33 13.92 -21.59 -0.16
N GLU A 34 14.19 -20.50 0.55
CA GLU A 34 14.07 -20.51 2.00
C GLU A 34 13.48 -19.22 2.53
N VAL A 35 13.13 -19.22 3.82
CA VAL A 35 12.52 -18.05 4.44
C VAL A 35 13.38 -16.84 4.15
N THR A 36 12.75 -15.81 3.61
CA THR A 36 13.43 -14.59 3.23
C THR A 36 12.77 -13.39 3.86
N THR A 37 13.58 -12.52 4.43
CA THR A 37 13.07 -11.32 5.04
C THR A 37 13.44 -10.09 4.22
N VAL A 38 12.43 -9.30 3.86
CA VAL A 38 12.64 -8.09 3.09
C VAL A 38 11.79 -6.96 3.66
N LYS A 39 12.07 -5.73 3.23
CA LYS A 39 11.30 -4.57 3.65
C LYS A 39 10.64 -3.98 2.40
N VAL A 40 9.34 -3.73 2.49
CA VAL A 40 8.58 -3.17 1.37
C VAL A 40 7.73 -2.01 1.88
N LYS A 41 7.34 -1.10 0.97
CA LYS A 41 6.47 -0.01 1.37
C LYS A 41 5.12 -0.51 0.86
N ALA A 42 4.18 -0.71 1.78
CA ALA A 42 2.88 -1.23 1.37
C ALA A 42 1.73 -0.70 2.19
N PHE A 43 0.52 -1.01 1.74
CA PHE A 43 -0.70 -0.63 2.43
C PHE A 43 -1.57 -1.88 2.41
N ILE A 44 -2.61 -1.89 3.22
CA ILE A 44 -3.49 -3.05 3.29
C ILE A 44 -4.65 -2.91 2.30
N VAL A 45 -4.76 -3.89 1.41
CA VAL A 45 -5.83 -3.88 0.41
C VAL A 45 -7.13 -4.24 1.11
N THR A 46 -7.09 -5.25 1.96
CA THR A 46 -8.26 -5.68 2.71
C THR A 46 -7.88 -6.68 3.78
N LEU A 47 -8.74 -6.81 4.81
CA LEU A 47 -8.51 -7.81 5.85
C LEU A 47 -9.08 -9.09 5.25
N THR A 48 -8.48 -10.24 5.54
CA THR A 48 -9.00 -11.48 4.97
C THR A 48 -9.58 -12.44 6.00
N GLY A 49 -9.67 -11.98 7.25
CA GLY A 49 -10.20 -12.81 8.30
C GLY A 49 -10.49 -12.03 9.58
N ASN A 50 -11.09 -12.70 10.55
CA ASN A 50 -11.43 -12.06 11.82
C ASN A 50 -10.22 -11.85 12.72
N LEU A 51 -10.34 -10.91 13.64
CA LEU A 51 -9.27 -10.67 14.60
C LEU A 51 -9.44 -11.80 15.61
N SER A 52 -8.43 -12.64 15.74
CA SER A 52 -8.51 -13.77 16.67
C SER A 52 -7.76 -13.51 17.98
N SER A 53 -8.20 -14.17 19.04
CA SER A 53 -7.55 -14.02 20.35
C SER A 53 -7.10 -15.40 20.83
N SER A 54 -7.16 -16.38 19.93
CA SER A 54 -6.76 -17.73 20.29
C SER A 54 -5.28 -17.81 20.69
N GLY A 55 -5.00 -18.62 21.70
CA GLY A 55 -3.64 -18.74 22.18
C GLY A 55 -3.31 -17.61 23.14
N GLY A 56 -4.31 -16.79 23.44
CA GLY A 56 -4.07 -15.68 24.36
C GLY A 56 -3.34 -14.52 23.71
N ILE A 57 -3.34 -14.46 22.39
CA ILE A 57 -2.69 -13.35 21.68
C ILE A 57 -3.53 -12.92 20.50
N TRP A 58 -3.32 -11.70 20.02
CA TRP A 58 -4.07 -11.18 18.88
C TRP A 58 -3.40 -11.64 17.59
N SER A 59 -4.21 -11.88 16.57
CA SER A 59 -3.71 -12.29 15.25
C SER A 59 -4.80 -12.04 14.21
N ILE A 60 -4.38 -11.63 13.02
CA ILE A 60 -5.31 -11.39 11.94
C ILE A 60 -4.55 -11.46 10.63
N THR A 61 -5.24 -11.85 9.57
CA THR A 61 -4.61 -11.95 8.26
C THR A 61 -5.13 -10.81 7.38
N ALA A 62 -4.28 -10.34 6.49
CA ALA A 62 -4.67 -9.25 5.61
C ALA A 62 -4.00 -9.42 4.28
N LYS A 63 -4.49 -8.71 3.27
CA LYS A 63 -3.89 -8.76 1.95
C LYS A 63 -3.26 -7.40 1.75
N VAL A 64 -1.96 -7.36 1.47
CA VAL A 64 -1.28 -6.09 1.25
C VAL A 64 -0.75 -5.99 -0.17
N SER A 65 -0.26 -4.81 -0.51
CA SER A 65 0.31 -4.57 -1.82
C SER A 65 1.33 -3.45 -1.77
N ASP A 66 2.41 -3.60 -2.54
CA ASP A 66 3.45 -2.59 -2.59
C ASP A 66 3.43 -1.97 -3.97
N GLY A 67 2.36 -2.24 -4.72
CA GLY A 67 2.23 -1.70 -6.05
C GLY A 67 2.69 -2.67 -7.14
N THR A 68 3.41 -3.74 -6.77
CA THR A 68 3.89 -4.69 -7.78
C THR A 68 3.26 -6.07 -7.68
N ALA A 69 2.57 -6.31 -6.57
CA ALA A 69 1.93 -7.61 -6.36
C ALA A 69 1.08 -7.57 -5.11
N TYR A 70 0.30 -8.61 -4.90
CA TYR A 70 -0.53 -8.76 -3.71
C TYR A 70 0.11 -9.86 -2.88
N LEU A 71 0.03 -9.74 -1.55
CA LEU A 71 0.59 -10.78 -0.68
C LEU A 71 -0.23 -10.90 0.60
N ASP A 72 -0.59 -12.13 0.97
CA ASP A 72 -1.34 -12.36 2.20
C ASP A 72 -0.32 -12.41 3.33
N VAL A 73 -0.58 -11.65 4.39
CA VAL A 73 0.33 -11.61 5.52
C VAL A 73 -0.41 -11.84 6.83
N ASP A 74 0.35 -12.23 7.84
CA ASP A 74 -0.22 -12.48 9.17
C ASP A 74 0.34 -11.44 10.14
N PHE A 75 -0.54 -10.80 10.89
CA PHE A 75 -0.12 -9.86 11.92
C PHE A 75 -0.27 -10.73 13.16
N VAL A 76 0.80 -10.88 13.92
CA VAL A 76 0.73 -11.72 15.11
C VAL A 76 1.27 -11.12 16.39
N ASP A 77 0.41 -11.08 17.39
CA ASP A 77 0.76 -10.61 18.73
C ASP A 77 1.08 -9.13 19.01
N GLU A 78 2.36 -8.83 19.18
CA GLU A 78 2.81 -7.49 19.55
C GLU A 78 2.32 -6.27 18.77
N ILE A 79 2.37 -6.31 17.45
CA ILE A 79 1.90 -5.16 16.68
C ILE A 79 0.43 -4.87 16.96
N LEU A 80 -0.39 -5.91 17.04
CA LEU A 80 -1.80 -5.74 17.31
C LEU A 80 -2.07 -5.27 18.72
N THR A 81 -1.31 -5.77 19.69
CA THR A 81 -1.49 -5.34 21.07
C THR A 81 -1.20 -3.83 21.14
N SER A 82 -0.20 -3.39 20.37
CA SER A 82 0.16 -1.99 20.37
C SER A 82 -0.92 -1.11 19.74
N LEU A 83 -1.47 -1.54 18.61
CA LEU A 83 -2.51 -0.75 17.94
C LEU A 83 -3.78 -0.67 18.76
N ILE A 84 -4.21 -1.79 19.30
CA ILE A 84 -5.43 -1.86 20.10
C ILE A 84 -5.27 -1.19 21.47
N GLY A 85 -4.10 -1.36 22.08
CA GLY A 85 -3.86 -0.78 23.39
C GLY A 85 -4.17 -1.75 24.52
N PHE A 86 -4.60 -2.95 24.16
CA PHE A 86 -4.94 -3.99 25.14
C PHE A 86 -4.42 -5.34 24.68
N SER A 87 -3.88 -6.12 25.62
CA SER A 87 -3.42 -7.46 25.29
C SER A 87 -4.70 -8.28 25.44
N VAL A 88 -4.64 -9.56 25.10
CA VAL A 88 -5.84 -10.39 25.23
C VAL A 88 -6.27 -10.50 26.70
N PRO A 89 -5.35 -10.86 27.60
CA PRO A 89 -5.76 -10.95 29.00
C PRO A 89 -6.26 -9.62 29.56
N GLU A 90 -5.66 -8.50 29.13
CA GLU A 90 -6.10 -7.20 29.59
C GLU A 90 -7.52 -6.94 29.10
N LYS A 92 -9.77 -9.27 28.54
CA LYS A 92 -10.65 -10.14 29.31
C LYS A 92 -10.93 -9.55 30.68
N GLN A 93 -9.95 -8.90 31.26
CA GLN A 93 -10.12 -8.28 32.57
C GLN A 93 -10.96 -7.02 32.41
N SER A 94 -10.79 -6.31 31.31
CA SER A 94 -11.53 -5.07 31.08
C SER A 94 -13.04 -5.29 31.11
N LYS A 95 -13.45 -6.52 30.84
CA LYS A 95 -14.87 -6.85 30.79
C LYS A 95 -15.70 -6.65 32.05
N LYS A 96 -15.13 -6.88 33.21
CA LYS A 96 -15.89 -6.73 34.44
C LYS A 96 -16.14 -5.27 34.85
N ASP A 97 -15.69 -4.32 34.04
CA ASP A 97 -15.92 -2.91 34.34
C ASP A 97 -16.30 -2.16 33.08
N PRO A 98 -17.56 -1.71 33.00
CA PRO A 98 -18.09 -0.98 31.84
C PRO A 98 -17.15 0.04 31.23
N LEU A 99 -16.55 0.88 32.07
CA LEU A 99 -15.67 1.91 31.54
C LEU A 99 -14.34 1.43 30.99
N GLN A 100 -13.77 0.38 31.59
CA GLN A 100 -12.52 -0.14 31.07
C GLN A 100 -12.85 -0.86 29.76
N TYR A 101 -13.99 -1.53 29.73
CA TYR A 101 -14.38 -2.25 28.52
C TYR A 101 -14.62 -1.23 27.41
N GLN A 102 -15.17 -0.08 27.78
CA GLN A 102 -15.43 0.98 26.82
C GLN A 102 -14.11 1.39 26.17
N LYS A 103 -13.06 1.48 26.98
CA LYS A 103 -11.75 1.85 26.46
C LYS A 103 -11.26 0.80 25.49
N PHE A 104 -11.53 -0.47 25.78
CA PHE A 104 -11.11 -1.53 24.88
C PHE A 104 -11.83 -1.37 23.54
N LEU A 105 -13.14 -1.17 23.56
CA LEU A 105 -13.90 -1.01 22.32
C LEU A 105 -13.39 0.18 21.52
N GLU A 106 -12.95 1.23 22.21
CA GLU A 106 -12.41 2.40 21.56
C GLU A 106 -11.08 2.02 20.92
N GLY A 107 -10.34 1.14 21.60
CA GLY A 107 -9.07 0.68 21.08
C GLY A 107 -9.26 -0.24 19.90
N LEU A 108 -10.34 -1.01 19.92
CA LEU A 108 -10.63 -1.94 18.82
C LEU A 108 -10.89 -1.14 17.53
N GLN A 109 -11.69 -0.08 17.64
CA GLN A 109 -12.02 0.77 16.50
C GLN A 109 -10.80 1.52 15.98
N LYS A 110 -9.96 1.96 16.91
CA LYS A 110 -8.73 2.67 16.57
C LYS A 110 -7.85 1.73 15.75
N CYS A 111 -7.76 0.49 16.17
CA CYS A 111 -6.97 -0.51 15.46
C CYS A 111 -7.57 -0.71 14.06
N GLN A 112 -8.90 -0.73 13.98
CA GLN A 112 -9.56 -0.90 12.69
C GLN A 112 -9.17 0.23 11.74
N ARG A 113 -9.23 1.47 12.22
CA ARG A 113 -8.87 2.62 11.38
C ARG A 113 -7.37 2.66 11.07
N ASP A 114 -6.54 2.24 12.00
CA ASP A 114 -5.10 2.25 11.77
C ASP A 114 -4.70 1.30 10.64
N LEU A 115 -5.36 0.14 10.56
CA LEU A 115 -5.06 -0.82 9.52
C LEU A 115 -5.61 -0.32 8.18
N ILE A 116 -6.69 0.45 8.23
CA ILE A 116 -7.27 1.02 7.03
C ILE A 116 -6.32 2.07 6.48
N ASP A 117 -5.77 2.88 7.38
CA ASP A 117 -4.85 3.97 7.00
C ASP A 117 -3.37 3.61 6.89
N LEU A 118 -3.03 2.36 7.18
CA LEU A 118 -1.66 1.92 7.12
C LEU A 118 -1.01 2.07 5.73
N CYS A 119 0.13 2.75 5.71
CA CYS A 119 0.90 2.98 4.48
C CYS A 119 2.28 3.34 5.00
N CYS A 120 3.11 2.31 5.17
CA CYS A 120 4.43 2.50 5.71
C CYS A 120 5.35 1.37 5.25
N LEU A 121 6.56 1.34 5.81
CA LEU A 121 7.49 0.29 5.45
C LEU A 121 7.23 -0.88 6.39
N THR A 123 8.48 -4.81 7.52
CA THR A 123 9.47 -5.87 7.40
C THR A 123 8.69 -7.16 7.47
N ILE A 124 8.78 -7.93 6.39
CA ILE A 124 8.04 -9.18 6.30
C ILE A 124 8.93 -10.40 6.15
N SER A 125 8.56 -11.45 6.87
CA SER A 125 9.28 -12.72 6.80
C SER A 125 8.45 -13.57 5.86
N PHE A 126 8.96 -13.80 4.65
CA PHE A 126 8.26 -14.59 3.65
C PHE A 126 8.71 -16.06 3.64
N ASN A 127 7.73 -16.96 3.70
CA ASN A 127 7.98 -18.41 3.69
C ASN A 127 7.49 -18.91 2.33
N PRO A 128 8.41 -19.14 1.38
CA PRO A 128 8.05 -19.62 0.04
C PRO A 128 7.37 -20.99 0.05
N SER A 129 7.77 -21.86 0.96
CA SER A 129 7.19 -23.20 1.03
C SER A 129 5.76 -23.23 1.55
N LEU A 130 5.26 -22.08 2.01
CA LEU A 130 3.90 -22.02 2.54
C LEU A 130 3.06 -20.93 1.84
N SER A 131 3.74 -20.12 1.04
CA SER A 131 3.09 -19.09 0.23
C SER A 131 2.58 -17.79 0.86
N LYS A 132 3.11 -17.39 2.02
CA LYS A 132 2.70 -16.13 2.61
C LYS A 132 3.74 -15.63 3.61
N ALA A 133 3.47 -14.49 4.23
CA ALA A 133 4.41 -13.93 5.18
C ALA A 133 3.81 -13.50 6.49
N VAL A 135 4.21 -10.28 9.26
CA VAL A 135 4.77 -8.95 9.40
C VAL A 135 5.60 -8.89 10.67
N LEU A 136 6.85 -8.48 10.55
CA LEU A 136 7.72 -8.41 11.72
C LEU A 136 7.75 -7.03 12.33
N ALA A 137 7.63 -6.00 11.51
CA ALA A 137 7.67 -4.64 12.01
C ALA A 137 7.13 -3.63 11.02
N LEU A 138 6.75 -2.48 11.54
CA LEU A 138 6.22 -1.37 10.74
C LEU A 138 7.08 -0.17 11.08
N GLN A 139 7.32 0.69 10.10
CA GLN A 139 8.12 1.90 10.30
C GLN A 139 7.62 3.01 9.38
N ASP A 140 7.46 4.21 9.93
CA ASP A 140 7.01 5.38 9.16
C ASP A 140 8.15 5.79 8.23
N VAL A 141 7.83 6.23 7.02
CA VAL A 141 8.89 6.67 6.11
C VAL A 141 9.51 7.93 6.69
N ASN A 142 10.82 8.06 6.55
CA ASN A 142 11.52 9.23 7.06
C ASN A 142 12.56 9.76 6.07
N GLU A 144 15.73 9.58 6.04
CA GLU A 144 16.75 8.60 5.73
C GLU A 144 16.32 7.77 4.52
N HIS A 145 15.06 7.36 4.49
CA HIS A 145 14.53 6.57 3.39
C HIS A 145 14.52 7.40 2.11
N LEU A 146 14.12 8.66 2.23
CA LEU A 146 14.06 9.55 1.08
C LEU A 146 15.45 9.68 0.46
N GLU A 147 16.47 9.87 1.30
CA GLU A 147 17.84 10.00 0.83
C GLU A 147 18.34 8.70 0.17
N ASN A 148 17.98 7.55 0.74
CA ASN A 148 18.41 6.26 0.16
C ASN A 148 17.79 6.06 -1.22
N LEU A 149 16.54 6.47 -1.39
CA LEU A 149 15.83 6.31 -2.65
C LEU A 149 16.47 7.20 -3.73
N LYS A 150 16.80 8.42 -3.36
CA LYS A 150 17.42 9.37 -4.28
C LYS A 150 18.79 8.84 -4.71
N LYS A 151 19.53 8.32 -3.74
CA LYS A 151 20.86 7.78 -3.99
C LYS A 151 20.88 6.63 -5.00
N ARG A 152 19.98 5.67 -4.86
CA ARG A 152 20.00 4.56 -5.79
C ARG A 152 19.39 4.96 -7.13
N LEU A 153 19.01 6.23 -7.24
CA LEU A 153 18.41 6.75 -8.47
C LEU A 153 18.93 8.06 -9.06
N ASN A 154 19.84 8.76 -8.40
CA ASN A 154 20.30 10.05 -8.95
C ASN A 154 21.73 10.22 -9.44
N LYS A 155 22.64 9.39 -8.97
CA LYS A 155 24.03 9.56 -9.33
C LYS A 155 24.72 8.37 -9.96
N LEU B 17 -9.86 -6.43 -5.75
CA LEU B 17 -10.30 -7.36 -6.83
C LEU B 17 -9.60 -7.22 -8.17
N PRO B 18 -8.83 -6.15 -8.37
CA PRO B 18 -8.16 -6.04 -9.68
C PRO B 18 -7.28 -7.27 -9.89
N ARG B 19 -7.18 -7.72 -11.14
CA ARG B 19 -6.34 -8.88 -11.43
C ARG B 19 -4.91 -8.39 -11.64
N SER B 20 -4.76 -7.07 -11.70
CA SER B 20 -3.46 -6.46 -11.84
C SER B 20 -3.20 -5.85 -10.47
N PRO B 21 -1.94 -5.83 -10.02
CA PRO B 21 -1.71 -5.22 -8.71
C PRO B 21 -1.89 -3.71 -8.88
N PRO B 22 -2.05 -2.96 -7.78
CA PRO B 22 -2.24 -1.51 -7.90
C PRO B 22 -0.94 -0.76 -8.25
N LEU B 23 -0.63 -0.73 -9.54
CA LEU B 23 0.56 -0.09 -10.07
C LEU B 23 0.68 1.40 -9.71
N LYS B 24 1.85 1.82 -9.23
CA LYS B 24 2.06 3.22 -8.88
C LYS B 24 2.23 3.99 -10.18
N VAL B 25 1.44 5.04 -10.35
CA VAL B 25 1.52 5.84 -11.55
C VAL B 25 1.22 7.32 -11.29
N LEU B 26 1.75 8.17 -12.16
CA LEU B 26 1.51 9.60 -12.10
C LEU B 26 0.45 9.89 -13.15
N ALA B 27 -0.27 10.98 -12.97
CA ALA B 27 -1.34 11.34 -13.90
C ALA B 27 -0.89 11.39 -15.36
N GLU B 28 0.31 11.91 -15.61
CA GLU B 28 0.82 12.04 -16.96
C GLU B 28 0.99 10.71 -17.69
N GLN B 29 1.29 9.65 -16.94
CA GLN B 29 1.48 8.34 -17.56
C GLN B 29 0.18 7.81 -18.15
N LEU B 30 -0.93 7.99 -17.43
CA LEU B 30 -2.22 7.51 -17.94
C LEU B 30 -2.67 8.43 -19.06
N ARG B 31 -2.54 9.74 -18.82
CA ARG B 31 -2.96 10.76 -19.78
C ARG B 31 -2.21 10.66 -21.11
N ARG B 32 -0.90 10.48 -21.03
CA ARG B 32 -0.04 10.43 -22.21
C ARG B 32 0.31 9.06 -22.81
N ASP B 33 0.59 8.07 -21.97
CA ASP B 33 1.02 6.77 -22.46
C ASP B 33 0.04 5.60 -22.44
N ALA B 34 -1.12 5.78 -21.83
CA ALA B 34 -2.07 4.69 -21.75
C ALA B 34 -2.75 4.42 -23.07
N GLU B 35 -2.99 3.13 -23.34
CA GLU B 35 -3.65 2.71 -24.58
C GLU B 35 -4.71 1.67 -24.26
N GLY B 36 -5.48 1.34 -25.27
CA GLY B 36 -6.50 0.35 -25.12
C GLY B 36 -7.71 0.98 -24.51
N GLY B 37 -8.46 0.17 -23.80
CA GLY B 37 -9.61 0.76 -23.16
C GLY B 37 -10.21 0.10 -21.93
N PRO B 38 -11.47 0.44 -21.61
CA PRO B 38 -12.33 -0.01 -20.51
C PRO B 38 -11.78 -1.25 -19.80
N GLY B 39 -11.99 -2.41 -20.40
CA GLY B 39 -11.52 -3.63 -19.79
C GLY B 39 -10.05 -3.93 -20.00
N ALA B 40 -9.35 -3.13 -20.80
CA ALA B 40 -7.95 -3.42 -21.04
C ALA B 40 -7.02 -2.23 -21.30
N TRP B 41 -6.40 -1.66 -20.27
CA TRP B 41 -5.47 -0.56 -20.49
C TRP B 41 -4.07 -1.07 -20.51
N ARG B 42 -3.24 -0.40 -21.32
CA ARG B 42 -1.85 -0.76 -21.40
C ARG B 42 -1.06 0.48 -21.46
N LEU B 43 0.04 0.48 -20.69
CA LEU B 43 0.89 1.64 -20.63
C LEU B 43 2.05 1.46 -21.58
N SER B 44 2.14 2.34 -22.58
CA SER B 44 3.22 2.27 -23.54
C SER B 44 4.50 2.62 -22.81
N ARG B 45 5.60 1.93 -23.13
CA ARG B 45 6.88 2.20 -22.48
C ARG B 45 8.03 2.25 -23.47
N ALA B 46 7.70 2.66 -24.69
CA ALA B 46 8.67 2.75 -25.78
C ALA B 46 10.00 3.40 -25.39
N ALA B 47 9.93 4.50 -24.66
CA ALA B 47 11.11 5.25 -24.24
C ALA B 47 12.07 4.41 -23.41
N ALA B 48 11.52 3.64 -22.50
CA ALA B 48 12.33 2.78 -21.65
C ALA B 48 12.99 1.75 -22.52
N GLY B 49 12.26 1.35 -23.56
CA GLY B 49 12.74 0.33 -24.48
C GLY B 49 12.19 -0.99 -23.98
N ARG B 50 10.94 -0.93 -23.52
CA ARG B 50 10.24 -2.09 -23.00
C ARG B 50 8.87 -2.18 -23.66
N GLY B 51 8.21 -3.34 -23.55
CA GLY B 51 6.89 -3.51 -24.14
C GLY B 51 5.80 -2.91 -23.29
N PRO B 52 4.52 -3.01 -23.72
CA PRO B 52 3.36 -2.46 -23.00
C PRO B 52 3.17 -3.07 -21.60
N LEU B 53 2.83 -2.23 -20.63
CA LEU B 53 2.57 -2.66 -19.28
C LEU B 53 1.07 -2.66 -19.04
N ASP B 54 0.49 -3.84 -18.85
CA ASP B 54 -0.93 -3.95 -18.63
C ASP B 54 -1.29 -3.47 -17.23
N LEU B 55 -2.40 -2.76 -17.11
CA LEU B 55 -2.84 -2.29 -15.81
C LEU B 55 -4.35 -2.17 -15.80
N ALA B 56 -4.94 -2.41 -14.63
CA ALA B 56 -6.38 -2.31 -14.46
C ALA B 56 -6.63 -1.44 -13.25
N ALA B 57 -5.82 -1.67 -12.22
CA ALA B 57 -5.92 -0.93 -10.97
C ALA B 57 -4.63 -0.15 -10.78
N VAL B 58 -4.71 0.97 -10.08
CA VAL B 58 -3.52 1.78 -9.84
C VAL B 58 -3.48 2.37 -8.41
N TRP B 59 -2.27 2.72 -8.03
CA TRP B 59 -1.96 3.39 -6.79
C TRP B 59 -1.60 4.80 -7.29
N GLN B 61 -1.35 9.16 -5.94
CA GLN B 61 -1.34 10.06 -4.78
C GLN B 61 -1.45 11.48 -5.25
N GLY B 62 -1.95 12.35 -4.38
CA GLY B 62 -2.06 13.75 -4.75
C GLY B 62 -2.83 14.59 -3.78
N ARG B 63 -2.79 15.90 -4.00
CA ARG B 63 -3.48 16.88 -3.17
C ARG B 63 -4.93 16.97 -3.60
N VAL B 64 -5.85 17.01 -2.64
CA VAL B 64 -7.27 17.12 -2.96
C VAL B 64 -7.48 18.57 -3.40
N VAL B 65 -7.98 18.74 -4.62
CA VAL B 65 -8.24 20.09 -5.13
C VAL B 65 -9.68 20.46 -4.81
N ALA B 67 -13.72 18.50 -3.55
CA ALA B 67 -14.45 17.31 -3.15
C ALA B 67 -15.98 17.49 -3.09
N ASP B 68 -16.70 16.69 -3.88
CA ASP B 68 -18.17 16.73 -3.86
C ASP B 68 -18.68 15.30 -3.78
N ARG B 69 -19.14 14.96 -2.58
CA ARG B 69 -19.62 13.62 -2.20
C ARG B 69 -19.71 12.48 -3.22
N GLY B 70 -18.77 11.57 -3.00
CA GLY B 70 -18.60 10.40 -3.83
C GLY B 70 -17.51 10.73 -4.82
N GLU B 71 -17.30 12.01 -5.06
CA GLU B 71 -16.32 12.46 -6.05
C GLU B 71 -15.28 13.50 -5.61
N ALA B 72 -14.12 13.44 -6.25
CA ALA B 72 -13.04 14.36 -5.95
C ALA B 72 -12.05 14.50 -7.13
N ARG B 73 -11.32 15.61 -7.13
CA ARG B 73 -10.33 15.86 -8.15
C ARG B 73 -9.02 16.01 -7.40
N LEU B 74 -8.02 15.23 -7.80
CA LEU B 74 -6.73 15.29 -7.14
C LEU B 74 -5.68 15.82 -8.09
N ARG B 75 -4.53 16.20 -7.55
CA ARG B 75 -3.46 16.75 -8.35
C ARG B 75 -2.09 16.26 -7.90
N ASP B 76 -1.37 15.60 -8.80
CA ASP B 76 -0.01 15.19 -8.46
C ASP B 76 0.88 16.15 -9.24
N PRO B 77 2.20 16.06 -9.08
CA PRO B 77 3.09 16.96 -9.81
C PRO B 77 2.98 16.95 -11.34
N SER B 78 2.37 15.91 -11.91
CA SER B 78 2.28 15.80 -13.36
C SER B 78 0.91 16.12 -13.95
N GLY B 79 -0.07 16.40 -13.09
CA GLY B 79 -1.40 16.70 -13.58
C GLY B 79 -2.51 16.31 -12.63
N ASP B 80 -3.75 16.50 -13.07
CA ASP B 80 -4.91 16.17 -12.25
C ASP B 80 -5.54 14.85 -12.65
N PHE B 81 -6.39 14.35 -11.77
CA PHE B 81 -7.13 13.12 -12.01
C PHE B 81 -8.31 13.13 -11.06
N SER B 82 -9.40 12.50 -11.46
CA SER B 82 -10.58 12.49 -10.62
C SER B 82 -10.88 11.11 -10.08
N VAL B 83 -11.59 11.07 -8.95
CA VAL B 83 -11.95 9.82 -8.30
C VAL B 83 -13.43 9.80 -7.96
N ARG B 84 -14.08 8.68 -8.22
CA ARG B 84 -15.51 8.52 -7.95
C ARG B 84 -15.76 7.28 -7.09
N GLY B 85 -16.96 7.18 -6.54
CA GLY B 85 -17.32 6.04 -5.72
C GLY B 85 -16.76 6.07 -4.30
N LEU B 86 -16.37 7.25 -3.85
CA LEU B 86 -15.78 7.39 -2.52
C LEU B 86 -16.69 7.07 -1.36
N GLU B 87 -18.00 7.01 -1.61
CA GLU B 87 -18.94 6.69 -0.55
C GLU B 87 -18.83 5.22 -0.17
N ARG B 88 -18.14 4.45 -1.00
CA ARG B 88 -18.00 3.02 -0.77
C ARG B 88 -16.68 2.54 -0.17
N VAL B 89 -15.71 3.42 -0.02
CA VAL B 89 -14.41 3.02 0.53
C VAL B 89 -14.36 2.94 2.05
N PRO B 90 -13.37 2.19 2.59
CA PRO B 90 -13.19 2.02 4.04
C PRO B 90 -13.07 3.37 4.71
N ARG B 91 -13.72 3.53 5.86
CA ARG B 91 -13.70 4.79 6.58
C ARG B 91 -12.53 4.95 7.56
N GLY B 92 -11.40 5.44 7.06
CA GLY B 92 -10.25 5.65 7.92
C GLY B 92 -10.22 7.10 8.33
N ARG B 93 -9.07 7.63 8.69
CA ARG B 93 -9.00 9.05 9.06
C ARG B 93 -9.66 9.77 7.89
N PRO B 94 -10.61 10.66 8.17
CA PRO B 94 -11.24 11.32 7.02
C PRO B 94 -10.35 12.38 6.36
N CYS B 95 -10.30 12.33 5.03
CA CYS B 95 -9.45 13.25 4.26
C CYS B 95 -10.03 13.83 2.97
N LEU B 96 -11.34 13.67 2.77
CA LEU B 96 -11.94 14.23 1.56
C LEU B 96 -12.13 15.73 1.82
N VAL B 97 -11.01 16.44 1.93
CA VAL B 97 -10.99 17.87 2.20
C VAL B 97 -9.91 18.56 1.38
N PRO B 98 -10.25 19.65 0.68
CA PRO B 98 -9.27 20.37 -0.14
C PRO B 98 -8.01 20.68 0.65
N GLY B 99 -6.85 20.31 0.10
CA GLY B 99 -5.61 20.57 0.79
C GLY B 99 -4.94 19.32 1.32
N LYS B 100 -5.74 18.30 1.61
CA LYS B 100 -5.21 17.04 2.13
C LYS B 100 -4.39 16.31 1.06
N TYR B 101 -3.31 15.66 1.49
CA TYR B 101 -2.49 14.88 0.57
C TYR B 101 -2.89 13.44 0.84
N VAL B 102 -3.37 12.74 -0.18
CA VAL B 102 -3.84 11.38 0.01
C VAL B 102 -3.36 10.39 -1.05
N VAL B 104 -4.78 6.91 -3.30
CA VAL B 104 -6.01 6.28 -3.72
C VAL B 104 -5.70 5.00 -4.47
N GLY B 106 -7.43 2.61 -7.04
CA GLY B 106 -8.63 2.62 -7.85
C GLY B 106 -8.52 1.90 -9.17
N VAL B 107 -9.67 1.59 -9.74
CA VAL B 107 -9.75 0.91 -11.03
C VAL B 107 -9.84 2.02 -12.07
N VAL B 108 -9.03 1.92 -13.12
CA VAL B 108 -9.01 2.94 -14.15
C VAL B 108 -10.26 2.88 -15.03
N GLN B 109 -10.99 3.98 -15.10
CA GLN B 109 -12.20 4.04 -15.90
C GLN B 109 -11.94 4.84 -17.18
N ALA B 110 -11.00 5.77 -17.11
CA ALA B 110 -10.64 6.61 -18.25
C ALA B 110 -9.22 7.13 -18.05
N CYS B 111 -8.53 7.42 -19.15
CA CYS B 111 -7.16 7.91 -19.08
C CYS B 111 -6.96 9.28 -19.71
N SER B 112 -7.69 9.58 -20.77
CA SER B 112 -7.55 10.86 -21.45
C SER B 112 -8.93 11.41 -21.81
N PRO B 113 -9.10 12.74 -21.79
CA PRO B 113 -8.13 13.80 -21.50
C PRO B 113 -7.74 13.90 -20.03
N GLU B 114 -8.50 13.23 -19.16
CA GLU B 114 -8.22 13.24 -17.74
C GLU B 114 -8.43 11.87 -17.10
N PRO B 115 -7.41 11.36 -16.40
CA PRO B 115 -7.56 10.04 -15.77
C PRO B 115 -8.73 10.05 -14.78
N CYS B 116 -9.51 8.97 -14.78
CA CYS B 116 -10.61 8.84 -13.83
C CYS B 116 -10.54 7.48 -13.17
N LEU B 117 -10.74 7.46 -11.86
CA LEU B 117 -10.66 6.21 -11.12
C LEU B 117 -11.93 5.90 -10.35
N GLN B 118 -12.22 4.61 -10.23
CA GLN B 118 -13.36 4.18 -9.43
C GLN B 118 -12.58 3.80 -8.18
N ALA B 119 -12.86 4.48 -7.09
CA ALA B 119 -12.15 4.25 -5.84
C ALA B 119 -12.37 2.91 -5.17
N VAL B 120 -11.27 2.35 -4.68
CA VAL B 120 -11.31 1.11 -3.93
C VAL B 120 -10.92 1.56 -2.52
N LYS B 121 -10.04 2.55 -2.46
CA LYS B 121 -9.57 3.04 -1.19
C LYS B 121 -8.90 4.42 -1.28
N THR B 123 -6.64 6.90 1.41
CA THR B 123 -6.01 7.04 2.73
C THR B 123 -5.33 8.39 2.90
N ASP B 124 -5.50 8.98 4.08
CA ASP B 124 -4.89 10.26 4.36
C ASP B 124 -3.38 10.09 4.60
N LEU B 125 -2.58 10.91 3.94
CA LEU B 125 -1.13 10.87 4.09
C LEU B 125 -0.60 12.25 4.43
N SER B 126 -1.49 13.11 4.92
CA SER B 126 -1.14 14.49 5.25
C SER B 126 -0.19 14.67 6.44
N ASP B 127 -0.31 13.78 7.42
CA ASP B 127 0.51 13.81 8.63
C ASP B 127 2.02 13.86 8.39
N ASN B 128 2.50 12.96 7.54
CA ASN B 128 3.93 12.86 7.25
C ASN B 128 4.25 13.48 5.90
N PRO B 129 4.97 14.61 5.88
CA PRO B 129 5.33 15.30 4.63
C PRO B 129 6.27 14.48 3.75
N ILE B 130 6.89 13.44 4.30
CA ILE B 130 7.81 12.60 3.54
C ILE B 130 7.11 11.89 2.39
N HIS B 131 5.85 11.50 2.60
CA HIS B 131 5.10 10.82 1.55
C HIS B 131 5.08 11.64 0.26
N GLU B 132 4.66 12.89 0.38
CA GLU B 132 4.58 13.77 -0.79
C GLU B 132 5.94 14.05 -1.42
N SER B 133 6.97 14.19 -0.58
CA SER B 133 8.32 14.46 -1.07
C SER B 133 8.91 13.24 -1.78
N TRP B 135 6.83 10.65 -3.42
CA TRP B 135 5.98 10.09 -4.46
C TRP B 135 6.57 9.98 -5.87
N GLU B 136 7.05 11.07 -6.43
CA GLU B 136 7.61 11.00 -7.78
C GLU B 136 8.76 10.01 -7.87
N LEU B 137 9.63 10.01 -6.85
CA LEU B 137 10.76 9.08 -6.87
C LEU B 137 10.26 7.64 -6.77
N GLU B 138 9.20 7.43 -5.99
CA GLU B 138 8.63 6.10 -5.85
C GLU B 138 8.12 5.59 -7.19
N VAL B 139 7.43 6.45 -7.92
CA VAL B 139 6.90 6.04 -9.21
C VAL B 139 8.05 5.71 -10.14
N GLU B 140 9.08 6.56 -10.18
CA GLU B 140 10.21 6.30 -11.06
C GLU B 140 10.92 5.00 -10.68
N ASP B 141 11.13 4.80 -9.38
CA ASP B 141 11.83 3.61 -8.90
C ASP B 141 11.08 2.31 -9.21
N LEU B 142 9.77 2.32 -8.99
CA LEU B 142 8.98 1.13 -9.25
C LEU B 142 8.99 0.75 -10.74
N HIS B 143 8.78 1.73 -11.61
CA HIS B 143 8.75 1.46 -13.06
C HIS B 143 10.09 1.01 -13.61
N ARG B 144 11.18 1.43 -12.98
CA ARG B 144 12.51 1.03 -13.40
C ARG B 144 12.75 -0.43 -13.10
N ASN B 145 11.95 -0.98 -12.20
CA ASN B 145 12.11 -2.38 -11.82
C ASN B 145 10.99 -3.31 -12.31
N ILE B 146 10.41 -2.96 -13.45
CA ILE B 146 9.37 -3.79 -14.03
C ILE B 146 9.72 -4.15 -15.47
N PRO B 147 9.84 -5.46 -15.74
CA PRO B 147 10.17 -6.01 -17.06
C PRO B 147 9.12 -5.67 -18.11
#